data_7SCP
#
_entry.id   7SCP
#
_cell.length_a   96.820
_cell.length_b   96.820
_cell.length_c   69.840
_cell.angle_alpha   90.000
_cell.angle_beta   90.000
_cell.angle_gamma   90.000
#
_symmetry.space_group_name_H-M   'P 42'
#
loop_
_entity.id
_entity.type
_entity.pdbx_description
1 polymer 'ScoE protein'
2 non-polymer 'FE (II) ION'
3 non-polymer '(3R)-3-(oxaloamino)butanoic acid'
4 non-polymer GLYCEROL
5 non-polymer 1,2-ETHANEDIOL
6 water water
#
_entity_poly.entity_id   1
_entity_poly.type   'polypeptide(L)'
_entity_poly.pdbx_seq_one_letter_code
;MGSSHHHHHHSSGLVPRGSHMKETAAAKFERQHMDSPDLGTGGGSGIEGRMQIDEQPGNAIGAAVEGFDHATASDADIDA
LKSTIYTKKIAVLKGQDLSPQQFLALGKRLGRPEAYYEPMYQHPEVTEIFVSSNVPENGKQIGVPKTGKFWHADYQFMPD
PFGITLIYPQVIPEKNRGTYFIDMGRAYDRLPEDLKKEISGTYCRHSVRKYFKIRPHDVYRPISEIIEEVERKTPAVVQP
TTFTHPMTGETVLYISEGFTVGIEDQDGKPLDEELLKRLFDATGQLDESFEHDNIHLQSFEQGDLLVWDNRSLIHRARHT
TTPEPTVSYRVTVHDERKLHDGIQAA
;
_entity_poly.pdbx_strand_id   A
#
loop_
_chem_comp.id
_chem_comp.type
_chem_comp.name
_chem_comp.formula
8S6 non-polymer '(3R)-3-(oxaloamino)butanoic acid' 'C6 H9 N O5'
EDO non-polymer 1,2-ETHANEDIOL 'C2 H6 O2'
FE2 non-polymer 'FE (II) ION' 'Fe 2'
GOL non-polymer GLYCEROL 'C3 H8 O3'
#
# COMPACT_ATOMS: atom_id res chain seq x y z
N ARG A 50 -14.98 -10.34 23.16
CA ARG A 50 -15.26 -10.11 21.76
C ARG A 50 -13.96 -10.09 20.94
N MET A 51 -13.49 -8.90 20.60
CA MET A 51 -12.25 -8.77 19.83
C MET A 51 -11.05 -9.18 20.68
N GLN A 52 -10.16 -9.97 20.08
CA GLN A 52 -8.96 -10.43 20.76
C GLN A 52 -7.78 -10.31 19.80
N ILE A 53 -6.79 -9.50 20.17
CA ILE A 53 -5.62 -9.25 19.34
C ILE A 53 -4.48 -10.13 19.84
N ASP A 54 -3.92 -10.95 18.94
CA ASP A 54 -2.78 -11.80 19.25
C ASP A 54 -1.61 -11.31 18.40
N GLU A 55 -0.73 -10.52 18.99
CA GLU A 55 0.40 -9.97 18.27
C GLU A 55 1.52 -11.01 18.17
N GLN A 56 2.32 -10.87 17.11
CA GLN A 56 3.47 -11.75 16.94
C GLN A 56 4.53 -11.43 18.00
N PRO A 57 5.23 -12.43 18.51
CA PRO A 57 6.17 -12.17 19.61
C PRO A 57 7.40 -11.40 19.16
N GLY A 58 7.90 -10.55 20.06
CA GLY A 58 9.10 -9.80 19.78
C GLY A 58 8.87 -8.76 18.70
N ASN A 59 9.86 -8.62 17.81
CA ASN A 59 9.80 -7.68 16.71
C ASN A 59 9.30 -8.31 15.42
N ALA A 60 8.71 -9.50 15.50
CA ALA A 60 8.12 -10.12 14.33
C ALA A 60 6.92 -9.31 13.85
N ILE A 61 6.79 -9.18 12.53
CA ILE A 61 5.72 -8.37 11.94
C ILE A 61 4.44 -9.17 11.92
N GLY A 62 3.32 -8.48 12.13
CA GLY A 62 2.02 -9.10 12.00
C GLY A 62 1.31 -9.24 13.33
N ALA A 63 0.00 -9.47 13.24
CA ALA A 63 -0.87 -9.71 14.39
C ALA A 63 -2.21 -10.20 13.89
N ALA A 64 -2.75 -11.21 14.55
CA ALA A 64 -4.05 -11.76 14.21
C ALA A 64 -5.12 -11.17 15.11
N VAL A 65 -6.31 -10.96 14.55
CA VAL A 65 -7.44 -10.39 15.27
C VAL A 65 -8.60 -11.36 15.16
N GLU A 66 -9.06 -11.86 16.30
CA GLU A 66 -10.16 -12.82 16.34
C GLU A 66 -11.41 -12.16 16.90
N GLY A 67 -12.56 -12.61 16.42
CA GLY A 67 -13.85 -12.14 16.90
C GLY A 67 -14.06 -10.64 16.76
N PHE A 68 -13.79 -10.11 15.57
CA PHE A 68 -13.97 -8.69 15.30
C PHE A 68 -15.24 -8.49 14.48
N ASP A 69 -16.15 -7.67 15.00
CA ASP A 69 -17.37 -7.29 14.30
C ASP A 69 -17.40 -5.76 14.24
N HIS A 70 -17.26 -5.21 13.03
CA HIS A 70 -17.16 -3.77 12.87
C HIS A 70 -18.42 -3.05 13.34
N ALA A 71 -19.57 -3.72 13.26
CA ALA A 71 -20.82 -3.07 13.64
C ALA A 71 -20.98 -2.98 15.14
N THR A 72 -20.37 -3.89 15.89
CA THR A 72 -20.51 -3.93 17.35
C THR A 72 -19.19 -3.68 18.07
N ALA A 73 -18.13 -3.35 17.34
CA ALA A 73 -16.84 -3.05 17.98
C ALA A 73 -16.92 -1.71 18.70
N SER A 74 -16.29 -1.66 19.87
CA SER A 74 -16.32 -0.47 20.71
C SER A 74 -15.22 0.50 20.30
N ASP A 75 -15.25 1.69 20.90
CA ASP A 75 -14.23 2.70 20.61
C ASP A 75 -12.86 2.24 21.09
N ALA A 76 -12.81 1.54 22.22
CA ALA A 76 -11.53 1.01 22.70
C ALA A 76 -11.02 -0.11 21.80
N ASP A 77 -11.93 -0.87 21.17
CA ASP A 77 -11.51 -1.91 20.24
C ASP A 77 -10.87 -1.30 18.99
N ILE A 78 -11.40 -0.17 18.52
CA ILE A 78 -10.84 0.49 17.36
C ILE A 78 -9.49 1.13 17.70
N ASP A 79 -9.40 1.78 18.86
CA ASP A 79 -8.14 2.39 19.27
C ASP A 79 -7.06 1.33 19.46
N ALA A 80 -7.43 0.19 20.05
CA ALA A 80 -6.45 -0.89 20.23
C ALA A 80 -6.05 -1.50 18.90
N LEU A 81 -7.00 -1.62 17.97
CA LEU A 81 -6.68 -2.17 16.66
C LEU A 81 -5.76 -1.25 15.88
N LYS A 82 -6.07 0.05 15.87
CA LYS A 82 -5.21 1.01 15.19
C LYS A 82 -3.82 1.04 15.83
N SER A 83 -3.76 0.94 17.16
CA SER A 83 -2.46 0.89 17.82
C SER A 83 -1.68 -0.35 17.43
N THR A 84 -2.37 -1.46 17.16
CA THR A 84 -1.70 -2.66 16.67
C THR A 84 -1.20 -2.46 15.25
N ILE A 85 -1.95 -1.74 14.43
CA ILE A 85 -1.54 -1.50 13.05
C ILE A 85 -0.29 -0.62 13.02
N TYR A 86 -0.20 0.36 13.93
CA TYR A 86 0.95 1.26 13.92
C TYR A 86 2.20 0.58 14.47
N THR A 87 2.05 -0.40 15.35
CA THR A 87 3.18 -1.08 15.98
C THR A 87 3.51 -2.42 15.31
N LYS A 88 2.51 -3.27 15.09
CA LYS A 88 2.72 -4.56 14.44
C LYS A 88 2.62 -4.47 12.92
N LYS A 89 2.31 -3.29 12.38
CA LYS A 89 2.36 -3.00 10.95
C LYS A 89 1.28 -3.72 10.15
N ILE A 90 0.93 -4.95 10.50
CA ILE A 90 -0.07 -5.72 9.77
C ILE A 90 -1.06 -6.30 10.77
N ALA A 91 -2.35 -6.11 10.51
CA ALA A 91 -3.42 -6.66 11.34
C ALA A 91 -4.35 -7.48 10.46
N VAL A 92 -4.40 -8.78 10.70
CA VAL A 92 -5.19 -9.71 9.88
C VAL A 92 -6.47 -10.01 10.63
N LEU A 93 -7.59 -9.45 10.14
CA LEU A 93 -8.89 -9.72 10.73
C LEU A 93 -9.38 -11.08 10.26
N LYS A 94 -9.69 -11.97 11.20
CA LYS A 94 -10.09 -13.33 10.87
C LYS A 94 -11.60 -13.45 10.81
N GLY A 95 -12.07 -14.35 9.94
CA GLY A 95 -13.48 -14.67 9.82
C GLY A 95 -14.37 -13.49 9.46
N GLN A 96 -14.03 -12.78 8.38
CA GLN A 96 -14.79 -11.62 7.95
C GLN A 96 -15.64 -12.03 6.74
N ASP A 97 -16.95 -12.07 6.95
CA ASP A 97 -17.93 -12.36 5.90
C ASP A 97 -18.75 -11.08 5.72
N LEU A 98 -18.26 -10.19 4.86
CA LEU A 98 -18.84 -8.87 4.71
C LEU A 98 -19.27 -8.62 3.27
N SER A 99 -20.37 -7.89 3.13
CA SER A 99 -20.79 -7.36 1.83
C SER A 99 -19.93 -6.16 1.48
N PRO A 100 -19.97 -5.70 0.22
CA PRO A 100 -19.22 -4.49 -0.13
C PRO A 100 -19.61 -3.28 0.72
N GLN A 101 -20.89 -3.16 1.07
CA GLN A 101 -21.33 -2.05 1.90
C GLN A 101 -20.81 -2.20 3.33
N GLN A 102 -20.75 -3.44 3.83
CA GLN A 102 -20.23 -3.66 5.18
C GLN A 102 -18.73 -3.49 5.24
N PHE A 103 -18.02 -3.80 4.15
CA PHE A 103 -16.58 -3.59 4.12
C PHE A 103 -16.24 -2.10 4.20
N LEU A 104 -17.03 -1.26 3.54
CA LEU A 104 -16.83 0.18 3.65
C LEU A 104 -17.14 0.66 5.07
N ALA A 105 -18.21 0.14 5.67
CA ALA A 105 -18.54 0.51 7.05
C ALA A 105 -17.45 0.08 8.02
N LEU A 106 -16.76 -1.03 7.73
CA LEU A 106 -15.61 -1.42 8.53
C LEU A 106 -14.47 -0.43 8.39
N GLY A 107 -14.19 0.02 7.16
CA GLY A 107 -13.15 1.00 6.94
C GLY A 107 -13.49 2.34 7.55
N LYS A 108 -14.77 2.70 7.60
CA LYS A 108 -15.17 3.95 8.21
C LYS A 108 -14.89 3.97 9.71
N ARG A 109 -14.80 2.79 10.34
CA ARG A 109 -14.47 2.73 11.76
C ARG A 109 -13.02 3.14 12.04
N LEU A 110 -12.14 3.04 11.03
CA LEU A 110 -10.73 3.36 11.21
C LEU A 110 -10.36 4.76 10.75
N GLY A 111 -11.13 5.36 9.87
CA GLY A 111 -10.81 6.69 9.40
C GLY A 111 -11.79 7.14 8.32
N ARG A 112 -11.37 8.17 7.58
CA ARG A 112 -12.19 8.69 6.49
C ARG A 112 -11.76 8.07 5.19
N PRO A 113 -12.59 7.22 4.56
CA PRO A 113 -12.17 6.59 3.31
C PRO A 113 -12.14 7.58 2.16
N GLU A 114 -11.27 7.30 1.19
CA GLU A 114 -11.17 8.09 -0.03
C GLU A 114 -11.18 7.15 -1.23
N ALA A 115 -12.03 7.43 -2.20
CA ALA A 115 -12.12 6.61 -3.40
C ALA A 115 -10.94 6.89 -4.33
N TYR A 116 -10.53 5.86 -5.07
CA TYR A 116 -9.44 6.00 -6.01
C TYR A 116 -9.80 7.02 -7.09
N TYR A 117 -8.79 7.78 -7.54
CA TYR A 117 -9.06 8.90 -8.44
C TYR A 117 -9.45 8.43 -9.83
N GLU A 118 -9.01 7.25 -10.26
CA GLU A 118 -9.40 6.71 -11.55
C GLU A 118 -10.64 5.85 -11.39
N PRO A 119 -11.75 6.17 -12.05
CA PRO A 119 -13.01 5.48 -11.76
C PRO A 119 -13.05 4.03 -12.22
N MET A 120 -12.17 3.61 -13.14
CA MET A 120 -12.24 2.24 -13.63
C MET A 120 -11.85 1.22 -12.58
N TYR A 121 -11.21 1.64 -11.48
CA TYR A 121 -10.90 0.76 -10.37
C TYR A 121 -12.06 0.62 -9.39
N GLN A 122 -13.08 1.48 -9.47
CA GLN A 122 -14.10 1.56 -8.43
C GLN A 122 -15.12 0.45 -8.56
N HIS A 123 -15.57 -0.04 -7.40
CA HIS A 123 -16.67 -0.98 -7.38
C HIS A 123 -17.94 -0.32 -7.89
N PRO A 124 -18.76 -1.02 -8.68
CA PRO A 124 -19.96 -0.38 -9.25
C PRO A 124 -20.95 0.10 -8.18
N GLU A 125 -21.11 -0.66 -7.10
CA GLU A 125 -22.05 -0.27 -6.06
C GLU A 125 -21.41 0.69 -5.06
N VAL A 126 -20.22 0.37 -4.58
CA VAL A 126 -19.53 1.17 -3.57
C VAL A 126 -18.32 1.80 -4.25
N THR A 127 -18.43 3.09 -4.57
CA THR A 127 -17.36 3.77 -5.29
C THR A 127 -16.07 3.88 -4.48
N GLU A 128 -16.15 3.75 -3.15
CA GLU A 128 -14.97 3.84 -2.31
C GLU A 128 -14.18 2.53 -2.26
N ILE A 129 -14.64 1.48 -2.93
CA ILE A 129 -13.99 0.18 -2.89
C ILE A 129 -13.12 0.03 -4.13
N PHE A 130 -11.82 -0.13 -3.91
CA PHE A 130 -10.85 -0.40 -4.96
C PHE A 130 -10.89 -1.90 -5.29
N VAL A 131 -11.16 -2.23 -6.55
CA VAL A 131 -11.38 -3.61 -6.96
C VAL A 131 -10.23 -4.06 -7.86
N SER A 132 -9.56 -5.14 -7.47
CA SER A 132 -8.57 -5.82 -8.31
C SER A 132 -9.16 -7.18 -8.65
N SER A 133 -9.56 -7.37 -9.91
CA SER A 133 -10.31 -8.56 -10.29
C SER A 133 -10.00 -8.95 -11.73
N ASN A 134 -9.77 -10.25 -11.94
CA ASN A 134 -9.66 -10.83 -13.28
C ASN A 134 -10.85 -11.74 -13.58
N VAL A 135 -11.93 -11.61 -12.82
CA VAL A 135 -13.13 -12.43 -12.96
C VAL A 135 -14.27 -11.52 -13.39
N PRO A 136 -14.74 -11.62 -14.63
CA PRO A 136 -15.87 -10.79 -15.06
C PRO A 136 -17.16 -11.22 -14.38
N GLU A 137 -18.00 -10.23 -14.11
CA GLU A 137 -19.33 -10.45 -13.56
C GLU A 137 -20.36 -10.08 -14.61
N ASN A 138 -21.19 -11.04 -15.00
CA ASN A 138 -22.17 -10.88 -16.08
C ASN A 138 -21.49 -10.45 -17.39
N GLY A 139 -20.26 -10.90 -17.60
CA GLY A 139 -19.50 -10.56 -18.79
C GLY A 139 -18.85 -9.20 -18.77
N LYS A 140 -18.96 -8.45 -17.68
CA LYS A 140 -18.40 -7.11 -17.58
C LYS A 140 -17.17 -7.14 -16.68
N GLN A 141 -16.13 -6.42 -17.09
CA GLN A 141 -14.90 -6.35 -16.30
C GLN A 141 -15.11 -5.42 -15.12
N ILE A 142 -14.95 -5.95 -13.91
CA ILE A 142 -15.08 -5.18 -12.68
C ILE A 142 -13.68 -4.89 -12.15
N GLY A 143 -13.39 -3.62 -11.89
CA GLY A 143 -12.08 -3.26 -11.40
C GLY A 143 -11.02 -3.39 -12.48
N VAL A 144 -9.79 -3.61 -12.03
CA VAL A 144 -8.63 -3.71 -12.92
C VAL A 144 -7.89 -5.01 -12.61
N PRO A 145 -7.54 -5.81 -13.62
CA PRO A 145 -6.95 -7.13 -13.33
C PRO A 145 -5.51 -7.02 -12.84
N LYS A 146 -5.24 -7.68 -11.71
CA LYS A 146 -3.90 -7.86 -11.18
C LYS A 146 -3.17 -6.52 -11.00
N THR A 147 -3.61 -5.79 -9.99
CA THR A 147 -3.01 -4.50 -9.66
C THR A 147 -1.88 -4.66 -8.65
N GLY A 148 -1.04 -3.64 -8.57
CA GLY A 148 0.00 -3.60 -7.56
C GLY A 148 1.07 -4.66 -7.68
N LYS A 149 1.38 -5.10 -8.90
CA LYS A 149 2.46 -6.06 -9.09
C LYS A 149 3.80 -5.35 -9.15
N PHE A 150 4.09 -4.54 -8.14
CA PHE A 150 5.32 -3.76 -8.05
C PHE A 150 5.43 -3.20 -6.64
N TRP A 151 6.67 -2.96 -6.21
CA TRP A 151 6.91 -2.39 -4.89
C TRP A 151 6.40 -0.95 -4.84
N HIS A 152 5.53 -0.66 -3.87
CA HIS A 152 4.92 0.66 -3.81
C HIS A 152 4.21 0.83 -2.47
N ALA A 153 3.99 2.09 -2.12
CA ALA A 153 3.06 2.47 -1.07
C ALA A 153 1.86 3.12 -1.72
N ASP A 154 0.67 2.90 -1.17
CA ASP A 154 -0.55 3.35 -1.81
C ASP A 154 -0.63 4.88 -1.78
N TYR A 155 -0.98 5.46 -2.93
CA TYR A 155 -1.09 6.91 -3.09
C TYR A 155 0.21 7.63 -2.76
N GLN A 156 1.35 6.94 -2.92
CA GLN A 156 2.65 7.57 -2.70
C GLN A 156 2.89 8.69 -3.70
N PHE A 157 2.35 8.56 -4.91
CA PHE A 157 2.46 9.57 -5.95
C PHE A 157 1.50 10.73 -5.75
N MET A 158 0.70 10.72 -4.68
CA MET A 158 -0.30 11.75 -4.42
C MET A 158 0.19 12.72 -3.36
N PRO A 159 -0.31 13.96 -3.37
CA PRO A 159 0.17 14.95 -2.39
C PRO A 159 -0.19 14.63 -0.95
N ASP A 160 -1.22 13.82 -0.71
CA ASP A 160 -1.67 13.51 0.66
C ASP A 160 -2.03 12.03 0.73
N PRO A 161 -1.03 11.17 0.92
CA PRO A 161 -1.33 9.74 1.05
C PRO A 161 -2.04 9.43 2.35
N PHE A 162 -2.84 8.37 2.32
CA PHE A 162 -3.56 7.93 3.51
C PHE A 162 -2.67 7.02 4.36
N GLY A 163 -3.09 6.83 5.61
CA GLY A 163 -2.26 6.12 6.56
C GLY A 163 -2.59 4.66 6.75
N ILE A 164 -3.79 4.23 6.35
CA ILE A 164 -4.26 2.87 6.60
C ILE A 164 -4.83 2.30 5.32
N THR A 165 -4.40 1.10 4.97
CA THR A 165 -4.91 0.36 3.81
C THR A 165 -5.57 -0.92 4.27
N LEU A 166 -6.73 -1.22 3.69
CA LEU A 166 -7.50 -2.41 4.03
C LEU A 166 -7.71 -3.24 2.76
N ILE A 167 -7.37 -4.53 2.84
CA ILE A 167 -7.51 -5.45 1.72
C ILE A 167 -8.39 -6.60 2.15
N TYR A 168 -9.44 -6.87 1.38
CA TYR A 168 -10.41 -7.93 1.66
C TYR A 168 -10.47 -8.86 0.45
N PRO A 169 -9.68 -9.94 0.43
CA PRO A 169 -9.70 -10.84 -0.72
C PRO A 169 -11.04 -11.56 -0.85
N GLN A 170 -11.54 -11.62 -2.08
CA GLN A 170 -12.79 -12.30 -2.39
C GLN A 170 -12.56 -13.68 -2.99
N VAL A 171 -11.85 -13.74 -4.11
CA VAL A 171 -11.47 -14.99 -4.75
C VAL A 171 -9.96 -15.15 -4.59
N ILE A 172 -9.56 -16.26 -3.96
CA ILE A 172 -8.16 -16.49 -3.62
C ILE A 172 -7.68 -17.71 -4.41
N PRO A 173 -6.67 -17.58 -5.26
CA PRO A 173 -6.07 -18.76 -5.89
C PRO A 173 -5.56 -19.74 -4.84
N GLU A 174 -5.55 -21.02 -5.19
CA GLU A 174 -5.34 -22.07 -4.21
C GLU A 174 -3.90 -22.17 -3.74
N LYS A 175 -2.93 -21.71 -4.53
CA LYS A 175 -1.53 -21.94 -4.17
C LYS A 175 -0.75 -20.64 -4.00
N ASN A 176 -0.07 -20.20 -5.06
CA ASN A 176 0.91 -19.11 -4.95
C ASN A 176 0.20 -17.76 -5.01
N ARG A 177 -0.41 -17.40 -3.88
CA ARG A 177 -1.06 -16.10 -3.75
C ARG A 177 -0.73 -15.50 -2.39
N GLY A 178 -0.47 -14.21 -2.38
CA GLY A 178 -0.16 -13.52 -1.15
C GLY A 178 0.18 -12.07 -1.42
N THR A 179 0.87 -11.45 -0.46
CA THR A 179 1.31 -10.07 -0.61
C THR A 179 2.64 -9.91 0.11
N TYR A 180 3.66 -9.48 -0.62
CA TYR A 180 4.95 -9.20 -0.02
C TYR A 180 4.90 -7.87 0.71
N PHE A 181 5.76 -7.74 1.74
CA PHE A 181 5.80 -6.54 2.56
C PHE A 181 7.23 -6.24 2.96
N ILE A 182 7.56 -4.95 3.04
CA ILE A 182 8.86 -4.49 3.53
C ILE A 182 8.61 -3.33 4.48
N ASP A 183 9.06 -3.46 5.72
CA ASP A 183 8.98 -2.37 6.69
C ASP A 183 10.08 -1.37 6.37
N MET A 184 9.70 -0.25 5.76
CA MET A 184 10.69 0.76 5.39
C MET A 184 11.26 1.48 6.61
N GLY A 185 10.55 1.47 7.75
CA GLY A 185 11.16 1.94 8.97
C GLY A 185 12.25 1.00 9.47
N ARG A 186 11.98 -0.31 9.42
CA ARG A 186 13.03 -1.28 9.72
C ARG A 186 14.12 -1.30 8.65
N ALA A 187 13.75 -1.03 7.40
CA ALA A 187 14.75 -1.02 6.33
C ALA A 187 15.70 0.15 6.46
N TYR A 188 15.21 1.30 6.94
CA TYR A 188 16.09 2.45 7.15
C TYR A 188 17.09 2.18 8.27
N ASP A 189 16.63 1.54 9.35
CA ASP A 189 17.51 1.27 10.48
C ASP A 189 18.67 0.36 10.08
N ARG A 190 18.41 -0.60 9.20
CA ARG A 190 19.42 -1.55 8.76
C ARG A 190 20.18 -1.07 7.52
N LEU A 191 19.97 0.18 7.11
CA LEU A 191 20.72 0.72 5.99
C LEU A 191 22.19 0.89 6.37
N PRO A 192 23.09 0.81 5.39
CA PRO A 192 24.50 1.13 5.67
C PRO A 192 24.66 2.58 6.08
N GLU A 193 25.70 2.85 6.87
CA GLU A 193 25.90 4.20 7.41
C GLU A 193 26.17 5.20 6.30
N ASP A 194 26.87 4.79 5.24
CA ASP A 194 27.16 5.70 4.14
C ASP A 194 25.87 6.11 3.43
N LEU A 195 24.91 5.20 3.33
CA LEU A 195 23.64 5.52 2.69
C LEU A 195 22.77 6.41 3.57
N LYS A 196 22.83 6.21 4.89
CA LYS A 196 22.04 7.03 5.80
C LYS A 196 22.46 8.50 5.72
N LYS A 197 23.77 8.76 5.74
CA LYS A 197 24.26 10.12 5.71
C LYS A 197 24.24 10.72 4.31
N GLU A 198 24.21 9.88 3.27
CA GLU A 198 24.09 10.41 1.91
C GLU A 198 22.68 10.91 1.62
N ILE A 199 21.66 10.26 2.19
CA ILE A 199 20.27 10.67 1.99
C ILE A 199 19.80 11.67 3.02
N SER A 200 20.67 12.09 3.94
CA SER A 200 20.29 13.05 4.97
C SER A 200 20.01 14.41 4.34
N GLY A 201 18.82 14.94 4.60
CA GLY A 201 18.43 16.22 4.04
C GLY A 201 18.07 16.19 2.57
N THR A 202 17.74 15.01 2.03
CA THR A 202 17.39 14.85 0.63
C THR A 202 15.88 14.72 0.47
N TYR A 203 15.41 14.97 -0.75
CA TYR A 203 14.02 14.83 -1.10
C TYR A 203 13.87 13.83 -2.24
N CYS A 204 12.70 13.22 -2.34
CA CYS A 204 12.40 12.26 -3.38
C CYS A 204 11.13 12.66 -4.11
N ARG A 205 11.09 12.37 -5.41
CA ARG A 205 9.93 12.62 -6.25
C ARG A 205 9.23 11.30 -6.55
N HIS A 206 7.90 11.29 -6.40
CA HIS A 206 7.10 10.09 -6.61
C HIS A 206 6.09 10.35 -7.72
N SER A 207 5.96 9.41 -8.64
CA SER A 207 5.06 9.56 -9.78
C SER A 207 4.51 8.21 -10.18
N VAL A 208 3.30 8.22 -10.71
CA VAL A 208 2.57 7.02 -11.12
C VAL A 208 2.81 6.80 -12.61
N ARG A 209 3.73 7.58 -13.19
CA ARG A 209 3.95 7.55 -14.62
C ARG A 209 4.46 6.21 -15.13
N LYS A 210 5.03 5.38 -14.26
CA LYS A 210 5.58 4.10 -14.69
C LYS A 210 4.55 2.98 -14.71
N TYR A 211 3.52 3.05 -13.85
CA TYR A 211 2.56 1.96 -13.76
C TYR A 211 1.12 2.45 -13.90
N PHE A 212 0.91 3.62 -14.51
CA PHE A 212 -0.43 4.06 -14.85
C PHE A 212 -1.01 3.12 -15.89
N LYS A 213 -2.13 2.48 -15.54
CA LYS A 213 -2.72 1.48 -16.41
C LYS A 213 -3.59 2.13 -17.48
N ILE A 214 -3.55 1.54 -18.69
CA ILE A 214 -4.32 2.07 -19.81
C ILE A 214 -5.80 1.84 -19.54
N ARG A 215 -6.60 2.88 -19.72
CA ARG A 215 -8.03 2.84 -19.50
C ARG A 215 -8.76 2.41 -20.76
N PRO A 216 -9.99 1.91 -20.63
CA PRO A 216 -10.72 1.46 -21.83
C PRO A 216 -10.93 2.56 -22.86
N HIS A 217 -11.19 3.79 -22.42
CA HIS A 217 -11.38 4.90 -23.35
C HIS A 217 -10.07 5.47 -23.87
N ASP A 218 -8.93 4.86 -23.52
CA ASP A 218 -7.64 5.29 -24.04
C ASP A 218 -7.28 4.62 -25.36
N VAL A 219 -8.08 3.66 -25.81
CA VAL A 219 -7.78 2.96 -27.06
C VAL A 219 -7.87 3.93 -28.23
N TYR A 220 -6.95 3.78 -29.18
CA TYR A 220 -6.80 4.57 -30.40
C TYR A 220 -6.29 5.98 -30.14
N ARG A 221 -5.99 6.34 -28.88
CA ARG A 221 -5.37 7.62 -28.61
C ARG A 221 -3.86 7.51 -28.72
N PRO A 222 -3.18 8.58 -29.14
CA PRO A 222 -1.71 8.56 -29.13
C PRO A 222 -1.18 8.45 -27.71
N ILE A 223 -0.10 7.69 -27.56
CA ILE A 223 0.40 7.39 -26.22
C ILE A 223 0.98 8.64 -25.56
N SER A 224 1.50 9.59 -26.36
CA SER A 224 1.99 10.83 -25.79
C SER A 224 0.85 11.70 -25.26
N GLU A 225 -0.36 11.54 -25.80
CA GLU A 225 -1.51 12.27 -25.29
C GLU A 225 -1.89 11.78 -23.88
N ILE A 226 -1.69 10.49 -23.61
CA ILE A 226 -1.99 9.95 -22.29
C ILE A 226 -0.88 10.30 -21.30
N ILE A 227 0.37 10.26 -21.75
CA ILE A 227 1.50 10.60 -20.88
C ILE A 227 1.36 12.03 -20.37
N GLU A 228 1.02 12.97 -21.26
CA GLU A 228 0.86 14.35 -20.84
C GLU A 228 -0.35 14.52 -19.94
N GLU A 229 -1.39 13.70 -20.11
CA GLU A 229 -2.54 13.75 -19.22
C GLU A 229 -2.16 13.29 -17.81
N VAL A 230 -1.33 12.25 -17.71
CA VAL A 230 -0.90 11.76 -16.41
C VAL A 230 -0.03 12.80 -15.72
N GLU A 231 0.87 13.44 -16.48
CA GLU A 231 1.72 14.48 -15.92
C GLU A 231 0.97 15.77 -15.62
N ARG A 232 -0.24 15.92 -16.16
CA ARG A 232 -1.06 17.10 -15.89
C ARG A 232 -2.00 16.90 -14.72
N LYS A 233 -2.66 15.74 -14.64
CA LYS A 233 -3.58 15.47 -13.56
C LYS A 233 -2.86 15.03 -12.29
N THR A 234 -1.82 14.21 -12.42
CA THR A 234 -1.07 13.70 -11.28
C THR A 234 0.42 14.00 -11.49
N PRO A 235 0.83 15.24 -11.29
CA PRO A 235 2.26 15.57 -11.39
C PRO A 235 3.05 14.92 -10.26
N ALA A 236 4.35 14.83 -10.46
CA ALA A 236 5.22 14.22 -9.47
C ALA A 236 5.24 15.03 -8.19
N VAL A 237 5.00 14.37 -7.06
CA VAL A 237 4.99 15.01 -5.75
C VAL A 237 6.36 14.87 -5.13
N VAL A 238 6.71 15.83 -4.28
CA VAL A 238 8.00 15.87 -3.60
C VAL A 238 7.78 15.59 -2.12
N GLN A 239 8.52 14.63 -1.59
CA GLN A 239 8.50 14.28 -0.18
C GLN A 239 9.91 14.19 0.35
N PRO A 240 10.13 14.43 1.64
CA PRO A 240 11.44 14.14 2.23
C PRO A 240 11.75 12.66 2.14
N THR A 241 13.02 12.34 1.88
CA THR A 241 13.42 10.95 1.72
C THR A 241 13.09 10.14 2.96
N THR A 242 13.27 10.72 4.14
CA THR A 242 12.88 10.10 5.40
C THR A 242 12.01 11.08 6.18
N PHE A 243 10.95 10.57 6.79
CA PHE A 243 10.11 11.36 7.66
C PHE A 243 9.91 10.62 8.98
N THR A 244 9.35 11.32 9.96
CA THR A 244 9.06 10.76 11.27
C THR A 244 7.60 10.29 11.29
N HIS A 245 7.41 9.01 11.62
CA HIS A 245 6.07 8.46 11.74
C HIS A 245 5.31 9.21 12.83
N PRO A 246 4.19 9.88 12.50
CA PRO A 246 3.49 10.69 13.51
C PRO A 246 2.86 9.86 14.62
N MET A 247 2.72 8.55 14.45
CA MET A 247 2.12 7.70 15.46
C MET A 247 3.15 7.00 16.33
N THR A 248 4.27 6.58 15.76
CA THR A 248 5.28 5.82 16.49
C THR A 248 6.62 6.52 16.64
N GLY A 249 6.89 7.56 15.85
CA GLY A 249 8.15 8.25 15.95
C GLY A 249 9.32 7.59 15.23
N GLU A 250 9.08 6.52 14.48
CA GLU A 250 10.13 5.88 13.73
C GLU A 250 10.51 6.72 12.51
N THR A 251 11.77 6.58 12.09
CA THR A 251 12.23 7.19 10.85
C THR A 251 11.95 6.22 9.71
N VAL A 252 11.14 6.66 8.75
CA VAL A 252 10.67 5.82 7.65
C VAL A 252 11.35 6.28 6.37
N LEU A 253 12.00 5.35 5.67
CA LEU A 253 12.57 5.62 4.35
C LEU A 253 11.44 5.51 3.33
N TYR A 254 10.91 6.66 2.92
CA TYR A 254 9.72 6.72 2.08
C TYR A 254 10.11 6.71 0.61
N ILE A 255 10.44 5.51 0.12
CA ILE A 255 10.74 5.29 -1.29
C ILE A 255 10.13 3.96 -1.72
N SER A 256 10.01 3.78 -3.04
CA SER A 256 9.52 2.54 -3.61
C SER A 256 9.92 2.49 -5.08
N GLU A 257 10.27 1.29 -5.55
CA GLU A 257 10.70 1.14 -6.94
C GLU A 257 9.59 1.52 -7.91
N GLY A 258 8.33 1.30 -7.53
CA GLY A 258 7.24 1.54 -8.46
C GLY A 258 6.91 3.01 -8.66
N PHE A 259 7.05 3.82 -7.63
CA PHE A 259 6.60 5.21 -7.68
C PHE A 259 7.71 6.24 -7.57
N THR A 260 8.77 5.98 -6.80
CA THR A 260 9.84 6.95 -6.64
C THR A 260 10.67 7.02 -7.92
N VAL A 261 10.72 8.21 -8.51
CA VAL A 261 11.37 8.40 -9.81
C VAL A 261 12.65 9.22 -9.73
N GLY A 262 12.92 9.89 -8.62
CA GLY A 262 14.13 10.69 -8.53
C GLY A 262 14.40 11.07 -7.09
N ILE A 263 15.61 11.57 -6.86
CA ILE A 263 16.05 12.02 -5.55
C ILE A 263 16.83 13.32 -5.71
N GLU A 264 16.53 14.30 -4.87
CA GLU A 264 17.15 15.62 -4.92
C GLU A 264 17.69 15.98 -3.55
N ASP A 265 18.50 17.03 -3.50
CA ASP A 265 19.04 17.52 -2.25
C ASP A 265 18.13 18.62 -1.70
N GLN A 266 18.67 19.49 -0.84
CA GLN A 266 17.83 20.52 -0.21
C GLN A 266 17.34 21.53 -1.23
N ASP A 267 18.18 21.88 -2.21
CA ASP A 267 17.82 22.90 -3.19
C ASP A 267 16.98 22.35 -4.33
N GLY A 268 16.58 21.09 -4.29
CA GLY A 268 15.90 20.47 -5.40
C GLY A 268 16.81 20.05 -6.53
N LYS A 269 18.11 20.26 -6.40
CA LYS A 269 19.07 19.83 -7.41
C LYS A 269 19.08 18.31 -7.49
N PRO A 270 18.84 17.72 -8.65
CA PRO A 270 18.76 16.26 -8.73
C PRO A 270 20.11 15.60 -8.47
N LEU A 271 20.05 14.42 -7.86
CA LEU A 271 21.22 13.60 -7.62
C LEU A 271 21.25 12.43 -8.60
N ASP A 272 22.39 11.76 -8.67
CA ASP A 272 22.53 10.60 -9.54
C ASP A 272 21.50 9.55 -9.16
N GLU A 273 20.80 9.02 -10.17
CA GLU A 273 19.79 8.01 -9.92
C GLU A 273 20.36 6.70 -9.40
N GLU A 274 21.69 6.55 -9.41
CA GLU A 274 22.30 5.38 -8.76
C GLU A 274 22.06 5.38 -7.26
N LEU A 275 21.97 6.57 -6.65
CA LEU A 275 21.67 6.64 -5.23
C LEU A 275 20.31 6.01 -4.92
N LEU A 276 19.32 6.25 -5.78
CA LEU A 276 18.02 5.61 -5.62
C LEU A 276 18.13 4.10 -5.86
N LYS A 277 18.90 3.70 -6.86
CA LYS A 277 19.05 2.27 -7.15
C LYS A 277 19.79 1.55 -6.03
N ARG A 278 20.77 2.21 -5.42
CA ARG A 278 21.44 1.63 -4.26
C ARG A 278 20.49 1.50 -3.07
N LEU A 279 19.55 2.45 -2.93
CA LEU A 279 18.56 2.36 -1.86
C LEU A 279 17.56 1.25 -2.13
N PHE A 280 17.16 1.08 -3.40
CA PHE A 280 16.29 -0.04 -3.75
C PHE A 280 17.00 -1.36 -3.54
N ASP A 281 18.29 -1.43 -3.86
CA ASP A 281 19.04 -2.68 -3.70
C ASP A 281 19.23 -3.00 -2.23
N ALA A 282 19.56 -2.00 -1.41
CA ALA A 282 19.88 -2.26 -0.01
C ALA A 282 18.64 -2.69 0.78
N THR A 283 17.48 -2.09 0.48
CA THR A 283 16.26 -2.41 1.21
C THR A 283 15.59 -3.70 0.72
N GLY A 284 16.06 -4.27 -0.38
CA GLY A 284 15.53 -5.53 -0.88
C GLY A 284 14.48 -5.42 -1.96
N GLN A 285 14.29 -4.24 -2.55
CA GLN A 285 13.28 -4.06 -3.59
C GLN A 285 13.75 -4.52 -4.96
N LEU A 286 15.01 -4.93 -5.10
CA LEU A 286 15.53 -5.43 -6.36
C LEU A 286 15.77 -6.93 -6.34
N ASP A 287 15.43 -7.60 -5.25
CA ASP A 287 15.62 -9.05 -5.13
C ASP A 287 14.43 -9.74 -5.80
N GLU A 288 14.64 -10.24 -7.01
CA GLU A 288 13.59 -10.94 -7.74
C GLU A 288 13.34 -12.34 -7.19
N SER A 289 14.16 -12.82 -6.26
CA SER A 289 13.91 -14.10 -5.60
C SER A 289 13.07 -13.94 -4.34
N PHE A 290 12.92 -12.72 -3.82
CA PHE A 290 12.08 -12.43 -2.66
C PHE A 290 12.52 -13.24 -1.43
N GLU A 291 13.83 -13.43 -1.30
CA GLU A 291 14.41 -14.09 -0.14
C GLU A 291 15.19 -13.11 0.74
N HIS A 292 15.12 -11.81 0.42
CA HIS A 292 15.77 -10.79 1.25
C HIS A 292 15.20 -10.82 2.66
N ASP A 293 16.05 -10.46 3.62
CA ASP A 293 15.64 -10.49 5.02
C ASP A 293 14.56 -9.44 5.31
N ASN A 294 14.55 -8.35 4.57
CA ASN A 294 13.55 -7.30 4.76
C ASN A 294 12.18 -7.69 4.20
N ILE A 295 12.10 -8.72 3.37
CA ILE A 295 10.86 -9.08 2.69
C ILE A 295 10.07 -10.05 3.55
N HIS A 296 8.78 -9.75 3.73
CA HIS A 296 7.86 -10.61 4.46
C HIS A 296 6.70 -10.97 3.55
N LEU A 297 6.50 -12.27 3.34
CA LEU A 297 5.39 -12.76 2.52
C LEU A 297 4.19 -13.02 3.42
N GLN A 298 3.08 -12.35 3.14
CA GLN A 298 1.85 -12.48 3.92
C GLN A 298 0.81 -13.17 3.06
N SER A 299 0.52 -14.43 3.37
CA SER A 299 -0.56 -15.15 2.72
C SER A 299 -1.84 -14.97 3.52
N PHE A 300 -2.95 -15.48 2.97
CA PHE A 300 -4.24 -15.32 3.60
C PHE A 300 -5.18 -16.45 3.19
N GLU A 301 -6.13 -16.75 4.05
CA GLU A 301 -7.18 -17.71 3.80
C GLU A 301 -8.50 -16.98 3.59
N GLN A 302 -9.55 -17.75 3.28
CA GLN A 302 -10.87 -17.16 3.06
C GLN A 302 -11.39 -16.55 4.36
N GLY A 303 -11.86 -15.31 4.28
CA GLY A 303 -12.35 -14.59 5.42
C GLY A 303 -11.36 -13.62 6.04
N ASP A 304 -10.10 -13.66 5.61
CA ASP A 304 -9.10 -12.74 6.14
C ASP A 304 -9.31 -11.33 5.58
N LEU A 305 -9.02 -10.34 6.42
CA LEU A 305 -9.09 -8.93 6.02
C LEU A 305 -7.81 -8.26 6.47
N LEU A 306 -6.95 -7.92 5.52
CA LEU A 306 -5.65 -7.34 5.82
C LEU A 306 -5.77 -5.83 6.03
N VAL A 307 -5.34 -5.36 7.19
CA VAL A 307 -5.29 -3.94 7.51
C VAL A 307 -3.86 -3.64 7.96
N TRP A 308 -3.13 -2.86 7.17
CA TRP A 308 -1.73 -2.63 7.45
C TRP A 308 -1.40 -1.14 7.42
N ASP A 309 -0.20 -0.83 7.92
CA ASP A 309 0.30 0.54 8.02
C ASP A 309 0.79 0.99 6.65
N ASN A 310 0.13 1.99 6.07
CA ASN A 310 0.53 2.50 4.76
C ASN A 310 1.67 3.50 4.84
N ARG A 311 2.05 3.95 6.04
CA ARG A 311 3.21 4.83 6.18
C ARG A 311 4.50 4.05 6.17
N SER A 312 4.59 2.99 6.98
CA SER A 312 5.85 2.28 7.16
C SER A 312 6.08 1.22 6.10
N LEU A 313 5.01 0.64 5.56
CA LEU A 313 5.13 -0.55 4.71
C LEU A 313 5.02 -0.19 3.24
N ILE A 314 5.88 -0.82 2.44
CA ILE A 314 5.67 -0.95 1.00
C ILE A 314 5.29 -2.41 0.74
N HIS A 315 4.48 -2.63 -0.29
CA HIS A 315 3.98 -3.96 -0.57
C HIS A 315 4.04 -4.23 -2.06
N ARG A 316 3.85 -5.51 -2.41
CA ARG A 316 3.88 -5.96 -3.79
C ARG A 316 3.00 -7.18 -3.91
N ALA A 317 2.04 -7.13 -4.85
CA ALA A 317 1.12 -8.24 -5.02
C ALA A 317 1.84 -9.46 -5.58
N ARG A 318 1.70 -10.59 -4.91
CA ARG A 318 2.21 -11.86 -5.40
C ARG A 318 1.07 -12.60 -6.11
N HIS A 319 1.18 -12.73 -7.43
CA HIS A 319 0.18 -13.40 -8.23
C HIS A 319 0.76 -14.67 -8.83
N THR A 320 -0.13 -15.60 -9.15
CA THR A 320 0.28 -16.84 -9.79
C THR A 320 0.80 -16.57 -11.20
N THR A 321 1.69 -17.45 -11.66
CA THR A 321 2.11 -17.45 -13.05
C THR A 321 1.10 -18.15 -13.97
N THR A 322 -0.13 -18.31 -13.52
CA THR A 322 -1.22 -18.96 -14.25
C THR A 322 -2.41 -18.02 -14.29
N PRO A 323 -3.31 -18.19 -15.26
CA PRO A 323 -4.52 -17.33 -15.30
C PRO A 323 -5.58 -17.76 -14.31
N GLU A 324 -5.20 -18.00 -13.05
CA GLU A 324 -6.16 -18.42 -12.04
C GLU A 324 -6.97 -17.22 -11.54
N PRO A 325 -8.26 -17.40 -11.30
CA PRO A 325 -9.09 -16.28 -10.83
C PRO A 325 -8.58 -15.72 -9.50
N THR A 326 -8.69 -14.40 -9.36
CA THR A 326 -8.29 -13.71 -8.14
C THR A 326 -9.03 -12.38 -8.07
N VAL A 327 -9.73 -12.15 -6.96
CA VAL A 327 -10.49 -10.92 -6.73
C VAL A 327 -10.17 -10.41 -5.34
N SER A 328 -9.96 -9.10 -5.23
CA SER A 328 -9.68 -8.45 -3.95
C SER A 328 -10.33 -7.09 -3.91
N TYR A 329 -10.95 -6.77 -2.78
CA TYR A 329 -11.51 -5.45 -2.54
C TYR A 329 -10.57 -4.67 -1.63
N ARG A 330 -10.57 -3.34 -1.82
CA ARG A 330 -9.66 -2.49 -1.08
C ARG A 330 -10.38 -1.21 -0.64
N VAL A 331 -10.17 -0.84 0.62
CA VAL A 331 -10.63 0.43 1.16
C VAL A 331 -9.43 1.12 1.79
N THR A 332 -9.29 2.42 1.52
CA THR A 332 -8.15 3.20 1.99
C THR A 332 -8.67 4.41 2.75
N VAL A 333 -8.24 4.57 4.00
CA VAL A 333 -8.79 5.58 4.90
C VAL A 333 -7.67 6.47 5.42
N HIS A 334 -8.04 7.70 5.76
CA HIS A 334 -7.15 8.66 6.41
C HIS A 334 -7.41 8.65 7.91
N ASP A 335 -6.35 8.60 8.70
CA ASP A 335 -6.48 8.57 10.15
C ASP A 335 -6.40 10.00 10.69
N GLU A 336 -6.08 10.15 11.98
CA GLU A 336 -6.10 11.45 12.63
C GLU A 336 -4.92 12.35 12.26
N ARG A 337 -3.95 11.83 11.52
CA ARG A 337 -2.77 12.60 11.15
C ARG A 337 -2.50 12.44 9.66
N LYS A 338 -1.62 13.28 9.14
CA LYS A 338 -1.21 13.23 7.75
C LYS A 338 -0.18 12.11 7.58
N LEU A 339 0.40 12.01 6.38
CA LEU A 339 1.51 11.07 6.18
C LEU A 339 2.65 11.36 7.14
N HIS A 340 3.04 12.64 7.22
CA HIS A 340 3.94 13.11 8.27
C HIS A 340 3.50 14.51 8.65
N ASP A 341 4.11 15.05 9.72
CA ASP A 341 3.71 16.34 10.24
C ASP A 341 4.21 17.51 9.41
N GLY A 342 4.84 17.25 8.26
CA GLY A 342 5.24 18.29 7.35
C GLY A 342 4.27 18.58 6.23
N ILE A 343 3.32 17.68 6.00
CA ILE A 343 2.32 17.86 4.95
C ILE A 343 1.39 19.01 5.32
FE FE2 B . -1.62 -1.61 -3.59
C1 8S6 C . -1.26 2.35 -10.17
C2 8S6 C . -1.65 1.54 -8.93
C4 8S6 C . -1.93 1.99 -6.47
C6 8S6 C . -2.32 2.93 -5.34
C9 8S6 C . -2.84 0.65 -9.25
C10 8S6 C . -2.49 -0.48 -10.22
N3 8S6 C . -2.02 2.44 -7.86
O5 8S6 C . -1.54 0.90 -6.24
O7 8S6 C . -3.45 2.80 -4.78
O8 8S6 C . -1.54 3.83 -4.95
O11 8S6 C . -1.54 -1.25 -9.96
O12 8S6 C . -3.14 -0.61 -11.29
C1 GOL D . -3.11 -7.62 -3.04
O1 GOL D . -1.79 -8.02 -3.17
C2 GOL D . -3.41 -6.65 -4.19
O2 GOL D . -4.53 -5.86 -3.95
C3 GOL D . -3.59 -7.54 -5.43
O3 GOL D . -3.18 -6.81 -6.54
C1 EDO E . -6.14 13.86 6.57
O1 EDO E . -5.92 13.34 7.89
C2 EDO E . -7.39 14.74 6.56
O2 EDO E . -7.03 16.10 6.78
C1 EDO F . 8.60 12.79 -18.98
O1 EDO F . 8.76 12.78 -17.56
C2 EDO F . 7.20 13.32 -19.32
O2 EDO F . 7.08 13.49 -20.73
C1 EDO G . -2.76 10.81 17.52
O1 EDO G . -1.36 10.90 17.80
C2 EDO G . -3.44 12.13 17.82
O2 EDO G . -2.92 13.14 16.95
C1 EDO H . 21.18 -5.59 0.64
O1 EDO H . 21.75 -6.39 1.68
C2 EDO H . 20.90 -6.47 -0.58
O2 EDO H . 22.13 -6.85 -1.20
C1 EDO I . 22.90 15.22 1.03
O1 EDO I . 23.87 14.71 1.95
C2 EDO I . 23.55 15.37 -0.35
O2 EDO I . 24.00 14.09 -0.80
C1 EDO J . 22.76 -1.48 -7.47
O1 EDO J . 23.35 -1.18 -6.19
C2 EDO J . 23.23 -0.45 -8.49
O2 EDO J . 24.66 -0.52 -8.63
C1 EDO K . -4.01 5.18 18.94
O1 EDO K . -3.42 5.92 17.86
C2 EDO K . -5.44 4.80 18.56
O2 EDO K . -6.16 5.99 18.21
C1 EDO L . 14.00 14.86 -10.60
O1 EDO L . 12.98 13.96 -11.05
C2 EDO L . 14.72 14.26 -9.39
O2 EDO L . 15.82 13.44 -9.84
C1 EDO M . -21.35 5.04 -0.87
O1 EDO M . -20.72 6.32 -0.84
C2 EDO M . -20.98 4.31 -2.15
O2 EDO M . -21.33 5.13 -3.27
C1 EDO N . 6.04 11.24 17.39
O1 EDO N . 5.81 12.41 16.60
C2 EDO N . 4.91 11.08 18.40
O2 EDO N . 5.13 9.90 19.17
C1 EDO O . 2.83 -16.08 7.90
O1 EDO O . 3.98 -16.88 8.18
C2 EDO O . 2.50 -16.16 6.42
O2 EDO O . 1.27 -15.50 6.17
C1 EDO P . 7.75 7.55 -18.98
O1 EDO P . 6.84 8.66 -19.08
C2 EDO P . 6.98 6.29 -18.61
O2 EDO P . 7.86 5.16 -18.68
C1 EDO Q . -16.96 -12.40 -6.38
O1 EDO Q . -16.72 -11.60 -5.21
C2 EDO Q . -16.72 -11.54 -7.62
O2 EDO Q . -17.02 -12.32 -8.79
C1 EDO R . 13.47 -14.35 5.74
O1 EDO R . 13.27 -13.12 6.44
C2 EDO R . 12.54 -14.41 4.53
O2 EDO R . 12.64 -15.71 3.92
C1 EDO S . 8.46 -4.84 13.40
O1 EDO S . 8.66 -4.85 11.98
C2 EDO S . 7.00 -4.52 13.70
O2 EDO S . 6.77 -4.65 15.10
#